data_3ZDV
#
_entry.id   3ZDV
#
_cell.length_a   50.530
_cell.length_b   76.980
_cell.length_c   99.660
_cell.angle_alpha   90.00
_cell.angle_beta   90.00
_cell.angle_gamma   90.00
#
_symmetry.space_group_name_H-M   'P 21 21 21'
#
loop_
_entity.id
_entity.type
_entity.pdbx_description
1 polymer 'FUCOSE-BINDING LECTIN PA-IIL'
2 non-polymer 'CALCIUM ION'
3 non-polymer 'methyl alpha-D-mannopyranoside'
4 non-polymer 2,4,6-trimethylbenzenesulfonamide
5 non-polymer GLYCEROL
6 non-polymer 1,2-ETHANEDIOL
7 non-polymer 'SULFATE ION'
8 water water
#
_entity_poly.entity_id   1
_entity_poly.type   'polypeptide(L)'
_entity_poly.pdbx_seq_one_letter_code
;MATQGVFTLPANTRFGVTAFANSSGTQTVNVLVNNETAATFSGQSTNNAVIGTQVLNSGSSGKVQVQVSVNGRPSDLVSA
QVILTNELNFALVGSEDGTDNDYNDAVVVINWPLG
;
_entity_poly.pdbx_strand_id   A,B,C,D
#
# COMPACT_ATOMS: atom_id res chain seq x y z
N ALA A 2 -3.60 5.62 -16.49
CA ALA A 2 -3.64 4.15 -16.38
C ALA A 2 -5.04 3.76 -15.95
N THR A 3 -5.44 2.58 -16.35
CA THR A 3 -6.73 2.00 -15.84
C THR A 3 -6.68 1.90 -14.30
N GLN A 4 -7.81 2.27 -13.69
CA GLN A 4 -8.00 2.20 -12.25
C GLN A 4 -9.31 1.51 -11.93
N GLY A 5 -9.36 0.91 -10.76
CA GLY A 5 -10.56 0.22 -10.30
C GLY A 5 -10.81 -1.14 -10.83
N VAL A 6 -9.77 -1.72 -11.45
CA VAL A 6 -9.81 -3.10 -11.96
C VAL A 6 -8.85 -3.96 -11.19
N PHE A 7 -9.31 -5.12 -10.69
CA PHE A 7 -8.51 -5.97 -9.87
C PHE A 7 -8.68 -7.42 -10.28
N THR A 8 -7.60 -8.21 -10.27
CA THR A 8 -7.67 -9.64 -10.48
C THR A 8 -7.60 -10.35 -9.14
N LEU A 9 -8.71 -10.93 -8.75
CA LEU A 9 -8.78 -11.72 -7.53
C LEU A 9 -8.52 -13.17 -7.85
N PRO A 10 -8.17 -13.97 -6.85
CA PRO A 10 -8.20 -15.44 -7.07
C PRO A 10 -9.62 -15.84 -7.50
N ALA A 11 -9.70 -16.86 -8.34
CA ALA A 11 -10.96 -17.34 -8.82
C ALA A 11 -11.86 -17.95 -7.72
N ASN A 12 -13.16 -17.82 -7.90
CA ASN A 12 -14.14 -18.51 -7.08
C ASN A 12 -13.96 -18.23 -5.59
N THR A 13 -13.71 -16.97 -5.28
CA THR A 13 -13.38 -16.53 -3.93
C THR A 13 -14.39 -15.48 -3.50
N ARG A 14 -14.93 -15.66 -2.31
CA ARG A 14 -15.81 -14.66 -1.75
C ARG A 14 -15.00 -13.43 -1.34
N PHE A 15 -15.53 -12.24 -1.61
CA PHE A 15 -14.93 -11.02 -1.20
C PHE A 15 -15.99 -10.05 -0.68
N GLY A 16 -15.59 -9.15 0.18
CA GLY A 16 -16.47 -8.09 0.62
C GLY A 16 -16.26 -6.85 -0.20
N VAL A 17 -17.35 -6.11 -0.43
CA VAL A 17 -17.25 -4.81 -1.03
C VAL A 17 -18.12 -3.84 -0.25
N THR A 18 -17.56 -2.73 0.16
CA THR A 18 -18.22 -1.75 0.98
C THR A 18 -17.93 -0.36 0.39
N ALA A 19 -18.96 0.51 0.31
CA ALA A 19 -18.83 1.84 -0.20
C ALA A 19 -19.27 2.88 0.78
N PHE A 20 -18.50 3.95 0.83
CA PHE A 20 -18.75 5.10 1.70
C PHE A 20 -18.89 6.32 0.84
N ALA A 21 -19.72 7.26 1.28
CA ALA A 21 -19.92 8.51 0.53
C ALA A 21 -19.47 9.75 1.29
N ASN A 22 -18.85 10.69 0.55
CA ASN A 22 -18.40 11.95 1.10
C ASN A 22 -18.52 13.04 0.04
N SER A 23 -19.75 13.41 -0.26
CA SER A 23 -20.02 14.31 -1.37
C SER A 23 -21.41 14.87 -1.29
N SER A 24 -21.60 16.07 -1.83
CA SER A 24 -22.95 16.60 -2.02
C SER A 24 -23.76 15.86 -3.06
N GLY A 25 -23.08 15.20 -3.98
CA GLY A 25 -23.75 14.44 -4.99
C GLY A 25 -24.03 12.98 -4.64
N THR A 26 -25.16 12.43 -5.11
CA THR A 26 -25.51 11.05 -4.90
C THR A 26 -24.55 10.19 -5.70
N GLN A 27 -23.94 9.26 -4.99
CA GLN A 27 -22.96 8.36 -5.63
C GLN A 27 -23.64 7.11 -6.09
N THR A 28 -23.30 6.63 -7.27
CA THR A 28 -23.71 5.33 -7.74
C THR A 28 -22.47 4.49 -8.02
N VAL A 29 -22.32 3.43 -7.25
CA VAL A 29 -21.19 2.53 -7.34
C VAL A 29 -21.67 1.23 -7.97
N ASN A 30 -21.07 0.86 -9.09
N ASN A 30 -21.06 0.86 -9.10
CA ASN A 30 -21.32 -0.43 -9.73
CA ASN A 30 -21.33 -0.42 -9.72
C ASN A 30 -20.12 -1.32 -9.56
C ASN A 30 -20.11 -1.33 -9.59
N VAL A 31 -20.36 -2.58 -9.20
CA VAL A 31 -19.29 -3.54 -9.06
C VAL A 31 -19.57 -4.62 -10.09
N LEU A 32 -18.62 -4.81 -11.01
CA LEU A 32 -18.71 -5.80 -12.09
CA LEU A 32 -18.71 -5.79 -12.08
C LEU A 32 -17.81 -6.98 -11.78
N VAL A 33 -18.33 -8.18 -12.04
CA VAL A 33 -17.56 -9.42 -11.93
C VAL A 33 -17.62 -10.05 -13.30
N ASN A 34 -16.46 -10.32 -13.90
CA ASN A 34 -16.37 -10.84 -15.25
C ASN A 34 -17.19 -9.94 -16.20
N ASN A 35 -17.07 -8.62 -16.04
CA ASN A 35 -17.72 -7.65 -16.91
C ASN A 35 -19.23 -7.59 -16.83
N GLU A 36 -19.83 -8.20 -15.84
CA GLU A 36 -21.27 -8.11 -15.60
C GLU A 36 -21.59 -7.52 -14.24
N THR A 37 -22.57 -6.62 -14.19
CA THR A 37 -22.91 -5.93 -12.94
C THR A 37 -23.34 -6.97 -11.92
N ALA A 38 -22.70 -6.97 -10.77
CA ALA A 38 -22.98 -7.88 -9.66
C ALA A 38 -23.60 -7.21 -8.45
N ALA A 39 -23.34 -5.93 -8.29
CA ALA A 39 -23.90 -5.12 -7.21
C ALA A 39 -23.90 -3.69 -7.60
N THR A 40 -24.91 -2.97 -7.15
CA THR A 40 -25.00 -1.52 -7.33
C THR A 40 -25.38 -0.89 -6.00
N PHE A 41 -24.63 0.11 -5.55
CA PHE A 41 -24.93 0.87 -4.35
C PHE A 41 -25.20 2.30 -4.73
N SER A 42 -26.21 2.91 -4.11
CA SER A 42 -26.51 4.31 -4.41
C SER A 42 -26.88 4.98 -3.14
N GLY A 43 -26.30 6.15 -2.87
CA GLY A 43 -26.62 6.93 -1.70
C GLY A 43 -25.88 8.23 -1.63
N GLN A 44 -26.21 9.03 -0.63
CA GLN A 44 -25.60 10.34 -0.45
C GLN A 44 -25.28 10.60 0.96
N SER A 45 -24.07 11.08 1.22
CA SER A 45 -23.63 11.47 2.55
C SER A 45 -22.41 12.37 2.44
N THR A 46 -22.25 13.30 3.37
CA THR A 46 -20.99 14.03 3.54
C THR A 46 -20.31 13.66 4.84
N ASN A 47 -20.70 12.53 5.41
N ASN A 47 -20.69 12.53 5.45
CA ASN A 47 -20.18 12.06 6.68
CA ASN A 47 -20.15 12.05 6.73
C ASN A 47 -19.75 10.60 6.64
C ASN A 47 -19.71 10.59 6.68
N ASN A 48 -19.28 10.13 5.49
CA ASN A 48 -18.72 8.78 5.39
C ASN A 48 -19.72 7.67 5.62
N ALA A 49 -21.01 7.93 5.42
CA ALA A 49 -21.99 6.86 5.62
C ALA A 49 -21.72 5.72 4.67
N VAL A 50 -21.96 4.53 5.16
CA VAL A 50 -21.97 3.35 4.32
C VAL A 50 -23.18 3.38 3.43
N ILE A 51 -22.97 3.44 2.12
CA ILE A 51 -24.06 3.37 1.14
C ILE A 51 -24.32 2.01 0.60
N GLY A 52 -23.45 1.05 0.92
CA GLY A 52 -23.73 -0.32 0.62
C GLY A 52 -22.62 -1.23 1.10
N THR A 53 -22.96 -2.48 1.42
CA THR A 53 -21.97 -3.51 1.69
C THR A 53 -22.57 -4.81 1.19
N GLN A 54 -21.72 -5.67 0.65
N GLN A 54 -21.72 -5.68 0.66
CA GLN A 54 -22.19 -6.93 0.09
CA GLN A 54 -22.20 -6.93 0.08
C GLN A 54 -21.04 -7.91 0.04
C GLN A 54 -21.04 -7.91 0.04
N VAL A 55 -21.36 -9.19 0.06
CA VAL A 55 -20.40 -10.23 -0.22
C VAL A 55 -20.72 -10.75 -1.60
N LEU A 56 -19.69 -10.86 -2.44
CA LEU A 56 -19.79 -11.34 -3.80
C LEU A 56 -18.78 -12.47 -4.00
N ASN A 57 -18.93 -13.21 -5.08
CA ASN A 57 -17.99 -14.25 -5.48
C ASN A 57 -17.25 -13.78 -6.75
N SER A 58 -15.94 -13.90 -6.75
CA SER A 58 -15.13 -13.47 -7.86
C SER A 58 -15.30 -14.28 -9.14
N GLY A 59 -15.90 -15.46 -9.02
CA GLY A 59 -16.25 -16.28 -10.16
C GLY A 59 -15.05 -16.88 -10.84
N SER A 60 -15.31 -17.41 -12.05
CA SER A 60 -14.28 -18.14 -12.75
C SER A 60 -13.10 -17.28 -13.17
N SER A 61 -13.33 -16.02 -13.51
CA SER A 61 -12.29 -15.15 -14.05
C SER A 61 -11.47 -14.44 -12.98
N GLY A 62 -12.09 -14.21 -11.83
CA GLY A 62 -11.49 -13.33 -10.82
C GLY A 62 -11.50 -11.86 -11.15
N LYS A 63 -12.05 -11.45 -12.28
CA LYS A 63 -11.96 -10.04 -12.68
C LYS A 63 -13.04 -9.23 -11.98
N VAL A 64 -12.63 -8.22 -11.21
CA VAL A 64 -13.55 -7.35 -10.49
C VAL A 64 -13.25 -5.90 -10.87
N GLN A 65 -14.29 -5.17 -11.26
CA GLN A 65 -14.17 -3.75 -11.61
C GLN A 65 -15.17 -2.91 -10.85
N VAL A 66 -14.67 -1.82 -10.34
CA VAL A 66 -15.49 -0.83 -9.65
C VAL A 66 -15.64 0.40 -10.55
N GLN A 67 -16.89 0.81 -10.75
CA GLN A 67 -17.20 2.03 -11.46
C GLN A 67 -17.99 2.94 -10.55
N VAL A 68 -17.79 4.27 -10.65
CA VAL A 68 -18.50 5.24 -9.87
C VAL A 68 -19.01 6.34 -10.79
N SER A 69 -20.27 6.71 -10.64
CA SER A 69 -20.82 7.84 -11.37
C SER A 69 -21.72 8.66 -10.46
N VAL A 70 -21.89 9.92 -10.87
CA VAL A 70 -22.75 10.87 -10.15
C VAL A 70 -23.61 11.54 -11.20
N ASN A 71 -24.92 11.40 -11.05
CA ASN A 71 -25.89 11.84 -12.07
C ASN A 71 -25.48 11.45 -13.47
N GLY A 72 -25.01 10.21 -13.61
CA GLY A 72 -24.68 9.63 -14.88
C GLY A 72 -23.32 9.94 -15.43
N ARG A 73 -22.59 10.81 -14.76
CA ARG A 73 -21.23 11.19 -15.23
C ARG A 73 -20.17 10.34 -14.50
N PRO A 74 -19.31 9.65 -15.22
CA PRO A 74 -18.29 8.87 -14.50
C PRO A 74 -17.35 9.71 -13.69
N SER A 75 -17.06 9.29 -12.46
CA SER A 75 -16.06 9.93 -11.66
C SER A 75 -14.66 9.47 -12.04
N ASP A 76 -13.68 10.30 -11.75
CA ASP A 76 -12.30 9.89 -11.95
C ASP A 76 -11.86 8.99 -10.76
N LEU A 77 -11.23 7.87 -11.08
CA LEU A 77 -10.88 6.89 -10.09
C LEU A 77 -9.39 6.85 -9.78
N VAL A 78 -9.08 6.47 -8.54
N VAL A 78 -9.08 6.48 -8.54
CA VAL A 78 -7.74 6.09 -8.13
CA VAL A 78 -7.73 6.09 -8.14
C VAL A 78 -7.87 4.78 -7.39
C VAL A 78 -7.87 4.78 -7.38
N SER A 79 -6.86 3.92 -7.49
CA SER A 79 -6.95 2.61 -6.86
C SER A 79 -5.58 2.00 -6.60
N ALA A 80 -5.57 0.98 -5.74
CA ALA A 80 -4.38 0.15 -5.51
C ALA A 80 -4.82 -1.08 -4.75
N GLN A 81 -3.99 -2.12 -4.79
CA GLN A 81 -4.16 -3.28 -3.97
C GLN A 81 -3.01 -3.40 -3.00
N VAL A 82 -3.33 -3.77 -1.74
CA VAL A 82 -2.34 -3.94 -0.72
C VAL A 82 -2.52 -5.31 -0.10
N ILE A 83 -1.43 -6.02 0.17
CA ILE A 83 -1.45 -7.32 0.77
C ILE A 83 -0.61 -7.30 2.01
N LEU A 84 -1.20 -7.71 3.13
CA LEU A 84 -0.52 -7.78 4.43
C LEU A 84 -0.24 -9.25 4.80
N THR A 85 0.94 -9.48 5.37
CA THR A 85 1.44 -10.82 5.74
C THR A 85 1.17 -11.87 4.68
N ASN A 86 1.27 -11.48 3.43
CA ASN A 86 1.12 -12.36 2.30
C ASN A 86 -0.20 -13.10 2.25
N GLU A 87 -1.22 -12.60 2.93
CA GLU A 87 -2.49 -13.32 3.11
C GLU A 87 -3.72 -12.40 2.99
N LEU A 88 -3.65 -11.20 3.53
CA LEU A 88 -4.81 -10.35 3.72
C LEU A 88 -4.79 -9.28 2.65
N ASN A 89 -5.84 -9.25 1.84
CA ASN A 89 -5.89 -8.40 0.67
C ASN A 89 -6.91 -7.31 0.74
N PHE A 90 -6.48 -6.11 0.38
CA PHE A 90 -7.36 -4.95 0.22
C PHE A 90 -7.27 -4.41 -1.19
N ALA A 91 -8.38 -4.21 -1.88
CA ALA A 91 -8.43 -3.50 -3.14
C ALA A 91 -9.21 -2.21 -2.82
N LEU A 92 -8.56 -1.07 -3.05
CA LEU A 92 -8.98 0.23 -2.56
C LEU A 92 -9.26 1.15 -3.71
N VAL A 93 -10.40 1.86 -3.65
CA VAL A 93 -10.77 2.80 -4.70
C VAL A 93 -11.22 4.11 -4.09
N GLY A 94 -10.71 5.22 -4.63
CA GLY A 94 -11.26 6.53 -4.37
C GLY A 94 -11.79 7.11 -5.67
N SER A 95 -12.59 8.16 -5.55
CA SER A 95 -13.21 8.71 -6.74
C SER A 95 -13.49 10.20 -6.52
N GLU A 96 -13.41 10.95 -7.62
CA GLU A 96 -13.60 12.38 -7.60
C GLU A 96 -14.68 12.79 -8.59
N ASP A 97 -15.68 13.50 -8.07
CA ASP A 97 -16.83 13.94 -8.87
C ASP A 97 -16.86 15.43 -9.17
N GLY A 98 -15.87 16.17 -8.72
CA GLY A 98 -15.85 17.62 -8.77
C GLY A 98 -14.46 18.16 -9.02
N THR A 99 -14.14 19.25 -8.30
CA THR A 99 -12.93 20.01 -8.56
C THR A 99 -11.94 20.05 -7.41
N ASP A 100 -12.33 19.58 -6.22
CA ASP A 100 -11.48 19.75 -5.04
C ASP A 100 -10.40 18.69 -4.89
N ASN A 101 -10.49 17.63 -5.68
CA ASN A 101 -9.50 16.53 -5.66
C ASN A 101 -9.27 15.92 -4.29
N ASP A 102 -10.31 15.78 -3.49
CA ASP A 102 -10.21 15.00 -2.27
C ASP A 102 -10.30 13.48 -2.52
N TYR A 103 -10.86 13.08 -3.68
CA TYR A 103 -10.93 11.66 -4.07
C TYR A 103 -11.63 10.76 -3.08
N ASN A 104 -12.53 11.33 -2.28
CA ASN A 104 -13.25 10.57 -1.26
C ASN A 104 -14.75 10.50 -1.53
N ASP A 105 -15.15 10.94 -2.72
CA ASP A 105 -16.56 11.22 -2.94
C ASP A 105 -17.38 9.95 -2.87
N ALA A 106 -16.87 8.90 -3.49
CA ALA A 106 -17.21 7.50 -3.10
C ALA A 106 -15.87 6.83 -2.83
N VAL A 107 -15.78 6.13 -1.71
CA VAL A 107 -14.63 5.34 -1.30
C VAL A 107 -15.12 3.92 -1.29
N VAL A 108 -14.39 3.00 -1.93
CA VAL A 108 -14.80 1.63 -2.04
C VAL A 108 -13.67 0.74 -1.51
N VAL A 109 -14.01 -0.13 -0.59
CA VAL A 109 -13.05 -1.09 -0.05
C VAL A 109 -13.50 -2.49 -0.37
N ILE A 110 -12.63 -3.26 -1.01
CA ILE A 110 -12.82 -4.65 -1.29
C ILE A 110 -11.82 -5.44 -0.44
N ASN A 111 -12.27 -6.45 0.27
CA ASN A 111 -11.38 -7.22 1.13
C ASN A 111 -11.61 -8.71 0.90
N TRP A 112 -10.51 -9.47 0.96
CA TRP A 112 -10.58 -10.92 0.90
C TRP A 112 -9.27 -11.49 1.50
N PRO A 113 -9.29 -12.76 1.89
CA PRO A 113 -10.40 -13.67 1.97
C PRO A 113 -11.35 -13.33 3.12
N LEU A 114 -12.52 -13.95 3.07
CA LEU A 114 -13.53 -13.87 4.11
C LEU A 114 -13.55 -15.17 4.90
N GLY A 115 -14.32 -15.17 5.97
CA GLY A 115 -14.59 -16.38 6.78
C GLY A 115 -13.62 -16.60 7.90
N ALA B 2 7.33 -5.49 15.45
CA ALA B 2 7.12 -4.06 15.39
C ALA B 2 5.72 -3.74 15.89
N THR B 3 5.56 -2.54 16.40
CA THR B 3 4.23 -2.06 16.77
C THR B 3 3.33 -2.04 15.51
N GLN B 4 2.09 -2.45 15.68
CA GLN B 4 1.09 -2.47 14.64
C GLN B 4 -0.21 -1.88 15.18
N GLY B 5 -1.00 -1.33 14.27
CA GLY B 5 -2.28 -0.77 14.62
C GLY B 5 -2.26 0.61 15.19
N VAL B 6 -1.12 1.30 15.11
CA VAL B 6 -0.96 2.66 15.58
C VAL B 6 -0.69 3.56 14.39
N PHE B 7 -1.41 4.66 14.29
CA PHE B 7 -1.32 5.55 13.15
C PHE B 7 -1.32 7.01 13.61
N THR B 8 -0.47 7.82 12.98
CA THR B 8 -0.48 9.25 13.20
C THR B 8 -1.26 9.94 12.11
N LEU B 9 -2.42 10.49 12.45
CA LEU B 9 -3.24 11.24 11.52
C LEU B 9 -2.92 12.74 11.66
N PRO B 10 -3.27 13.51 10.64
CA PRO B 10 -3.21 14.97 10.83
C PRO B 10 -4.09 15.33 12.03
N ALA B 11 -3.71 16.35 12.75
CA ALA B 11 -4.46 16.80 13.91
C ALA B 11 -5.83 17.37 13.54
N ASN B 12 -6.77 17.21 14.48
CA ASN B 12 -8.10 17.85 14.39
C ASN B 12 -8.82 17.53 13.10
N THR B 13 -8.73 16.28 12.68
CA THR B 13 -9.26 15.83 11.40
C THR B 13 -10.25 14.69 11.66
N ARG B 14 -11.43 14.82 11.03
CA ARG B 14 -12.41 13.76 11.07
C ARG B 14 -11.92 12.55 10.26
N PHE B 15 -12.15 11.33 10.77
CA PHE B 15 -11.80 10.13 10.06
C PHE B 15 -12.90 9.12 10.31
N GLY B 16 -13.01 8.18 9.37
CA GLY B 16 -13.89 7.05 9.51
C GLY B 16 -13.16 5.85 10.00
N VAL B 17 -13.78 5.08 10.87
CA VAL B 17 -13.26 3.80 11.29
C VAL B 17 -14.34 2.74 11.21
N THR B 18 -14.03 1.63 10.52
CA THR B 18 -14.98 0.60 10.19
C THR B 18 -14.34 -0.75 10.46
N ALA B 19 -15.07 -1.65 11.10
CA ALA B 19 -14.60 -2.99 11.45
C ALA B 19 -15.49 -4.05 10.86
N PHE B 20 -14.85 -5.10 10.33
CA PHE B 20 -15.47 -6.24 9.74
C PHE B 20 -15.05 -7.48 10.51
N ALA B 21 -15.93 -8.46 10.64
CA ALA B 21 -15.59 -9.71 11.33
C ALA B 21 -15.65 -10.93 10.39
N ASN B 22 -14.67 -11.82 10.57
CA ASN B 22 -14.54 -13.03 9.79
C ASN B 22 -13.92 -14.15 10.65
N SER B 23 -14.69 -14.64 11.61
CA SER B 23 -14.15 -15.59 12.57
C SER B 23 -15.29 -16.24 13.33
N SER B 24 -15.05 -17.46 13.80
N SER B 24 -15.06 -17.45 13.81
CA SER B 24 -16.01 -18.12 14.71
CA SER B 24 -16.03 -18.11 14.68
C SER B 24 -16.03 -17.49 16.11
C SER B 24 -16.04 -17.50 16.10
N GLY B 25 -14.99 -16.77 16.46
CA GLY B 25 -14.94 -16.11 17.74
C GLY B 25 -15.53 -14.68 17.66
N THR B 26 -16.16 -14.23 18.74
CA THR B 26 -16.69 -12.87 18.82
C THR B 26 -15.53 -11.88 18.93
N GLN B 27 -15.48 -10.91 18.04
CA GLN B 27 -14.40 -9.93 18.01
C GLN B 27 -14.75 -8.75 18.84
N THR B 28 -13.78 -8.17 19.54
CA THR B 28 -13.94 -6.87 20.20
C THR B 28 -12.87 -5.99 19.66
N VAL B 29 -13.28 -4.88 19.09
CA VAL B 29 -12.40 -3.87 18.53
C VAL B 29 -12.50 -2.57 19.34
N ASN B 30 -11.38 -2.09 19.85
N ASN B 30 -11.37 -2.09 19.86
CA ASN B 30 -11.34 -0.79 20.53
CA ASN B 30 -11.33 -0.82 20.57
C ASN B 30 -10.53 0.17 19.71
C ASN B 30 -10.54 0.18 19.75
N VAL B 31 -11.04 1.39 19.60
CA VAL B 31 -10.37 2.42 18.88
C VAL B 31 -10.03 3.52 19.89
N LEU B 32 -8.74 3.80 20.05
CA LEU B 32 -8.24 4.81 20.96
C LEU B 32 -7.80 6.04 20.20
N VAL B 33 -8.15 7.21 20.71
CA VAL B 33 -7.64 8.46 20.19
C VAL B 33 -6.93 9.12 21.36
N ASN B 34 -5.65 9.47 21.17
CA ASN B 34 -4.84 10.09 22.23
C ASN B 34 -4.91 9.19 23.48
N ASN B 35 -4.83 7.88 23.28
CA ASN B 35 -4.73 6.88 24.34
C ASN B 35 -6.00 6.70 25.16
N GLU B 36 -7.13 7.20 24.67
CA GLU B 36 -8.39 7.05 25.36
C GLU B 36 -9.41 6.42 24.43
N THR B 37 -10.15 5.45 24.93
CA THR B 37 -11.14 4.74 24.11
C THR B 37 -12.15 5.70 23.59
N ALA B 38 -12.35 5.69 22.28
CA ALA B 38 -13.30 6.56 21.60
C ALA B 38 -14.46 5.82 20.97
N ALA B 39 -14.25 4.54 20.66
CA ALA B 39 -15.25 3.66 20.09
C ALA B 39 -14.91 2.22 20.37
N THR B 40 -15.95 1.40 20.47
N THR B 40 -15.95 1.40 20.44
CA THR B 40 -15.79 -0.01 20.73
CA THR B 40 -15.74 0.01 20.64
C THR B 40 -16.86 -0.78 19.99
C THR B 40 -16.86 -0.78 19.99
N PHE B 41 -16.46 -1.82 19.26
CA PHE B 41 -17.38 -2.62 18.49
C PHE B 41 -17.21 -4.08 18.88
N SER B 42 -18.28 -4.85 18.94
CA SER B 42 -18.18 -6.29 19.18
C SER B 42 -19.16 -7.04 18.29
N GLY B 43 -18.77 -8.21 17.84
CA GLY B 43 -19.70 -9.05 17.11
C GLY B 43 -19.06 -10.29 16.54
N GLN B 44 -19.89 -11.20 16.13
CA GLN B 44 -19.43 -12.41 15.48
C GLN B 44 -20.03 -12.50 14.07
N SER B 45 -19.16 -12.79 13.11
CA SER B 45 -19.58 -13.05 11.75
C SER B 45 -18.50 -13.87 11.07
N THR B 46 -18.88 -14.72 10.14
CA THR B 46 -17.98 -15.33 9.18
C THR B 46 -18.31 -14.86 7.76
N ASN B 47 -19.03 -13.73 7.64
CA ASN B 47 -19.48 -13.18 6.38
C ASN B 47 -19.21 -11.68 6.30
N ASN B 48 -18.16 -11.18 6.97
CA ASN B 48 -17.72 -9.85 6.75
C ASN B 48 -18.70 -8.80 7.22
N ALA B 49 -19.50 -9.13 8.24
CA ALA B 49 -20.40 -8.13 8.81
C ALA B 49 -19.63 -6.89 9.22
N VAL B 50 -20.24 -5.72 9.07
CA VAL B 50 -19.70 -4.49 9.60
C VAL B 50 -20.13 -4.36 11.05
N ILE B 51 -19.25 -4.77 11.94
CA ILE B 51 -19.58 -4.81 13.35
C ILE B 51 -19.56 -3.39 13.98
N GLY B 52 -19.03 -2.41 13.26
CA GLY B 52 -19.15 -1.03 13.67
C GLY B 52 -18.55 -0.09 12.66
N THR B 53 -19.07 1.14 12.59
CA THR B 53 -18.52 2.19 11.76
C THR B 53 -18.86 3.50 12.41
N GLN B 54 -17.86 4.35 12.60
CA GLN B 54 -18.01 5.63 13.27
C GLN B 54 -17.11 6.69 12.68
N VAL B 55 -17.50 7.93 12.83
CA VAL B 55 -16.69 9.09 12.50
C VAL B 55 -16.20 9.70 13.80
N LEU B 56 -14.88 9.83 13.89
CA LEU B 56 -14.19 10.32 15.06
C LEU B 56 -13.30 11.49 14.66
N ASN B 57 -12.88 12.26 15.65
CA ASN B 57 -11.92 13.34 15.41
C ASN B 57 -10.57 12.96 15.97
N SER B 58 -9.51 13.18 15.19
CA SER B 58 -8.17 12.74 15.61
C SER B 58 -7.58 13.61 16.74
N GLY B 59 -8.21 14.76 16.99
CA GLY B 59 -7.81 15.63 18.14
C GLY B 59 -6.44 16.28 17.96
N SER B 60 -5.94 16.80 19.06
CA SER B 60 -4.71 17.58 18.99
C SER B 60 -3.48 16.72 18.67
N SER B 61 -3.49 15.46 19.10
CA SER B 61 -2.32 14.57 18.99
C SER B 61 -2.25 13.87 17.63
N GLY B 62 -3.41 13.62 17.02
CA GLY B 62 -3.52 12.79 15.83
C GLY B 62 -3.25 11.29 16.06
N LYS B 63 -3.03 10.87 17.30
CA LYS B 63 -2.68 9.47 17.59
C LYS B 63 -3.91 8.58 17.63
N VAL B 64 -3.98 7.60 16.73
CA VAL B 64 -5.08 6.65 16.68
C VAL B 64 -4.53 5.23 16.81
N GLN B 65 -5.11 4.41 17.69
CA GLN B 65 -4.69 3.03 17.90
C GLN B 65 -5.89 2.14 17.85
N VAL B 66 -5.72 1.01 17.15
CA VAL B 66 -6.70 -0.07 17.07
C VAL B 66 -6.19 -1.25 17.87
N GLN B 67 -7.03 -1.78 18.75
CA GLN B 67 -6.76 -2.99 19.50
C GLN B 67 -7.89 -3.99 19.18
N VAL B 68 -7.56 -5.26 19.13
CA VAL B 68 -8.51 -6.32 18.85
C VAL B 68 -8.29 -7.44 19.85
N SER B 69 -9.38 -7.93 20.43
CA SER B 69 -9.32 -9.08 21.31
CA SER B 69 -9.33 -9.08 21.33
C SER B 69 -10.53 -9.99 21.12
N VAL B 70 -10.40 -11.21 21.60
CA VAL B 70 -11.47 -12.19 21.54
C VAL B 70 -11.58 -12.78 22.95
N ASN B 71 -12.72 -12.48 23.58
CA ASN B 71 -12.97 -12.86 24.99
C ASN B 71 -11.76 -12.53 25.88
N GLY B 72 -11.24 -11.34 25.67
CA GLY B 72 -10.17 -10.76 26.46
C GLY B 72 -8.74 -11.07 26.03
N ARG B 73 -8.57 -11.99 25.08
CA ARG B 73 -7.21 -12.33 24.63
C ARG B 73 -6.80 -11.49 23.45
N PRO B 74 -5.74 -10.73 23.53
CA PRO B 74 -5.35 -9.85 22.38
C PRO B 74 -5.01 -10.65 21.15
N SER B 75 -5.50 -10.20 20.01
CA SER B 75 -5.16 -10.79 18.75
C SER B 75 -3.84 -10.24 18.24
N ASP B 76 -3.18 -11.00 17.39
CA ASP B 76 -1.98 -10.52 16.75
C ASP B 76 -2.39 -9.62 15.58
N LEU B 77 -1.77 -8.47 15.48
CA LEU B 77 -2.15 -7.48 14.48
C LEU B 77 -1.13 -7.32 13.36
N VAL B 78 -1.64 -6.96 12.17
N VAL B 78 -1.64 -6.95 12.18
CA VAL B 78 -0.82 -6.51 11.06
CA VAL B 78 -0.80 -6.51 11.05
C VAL B 78 -1.45 -5.21 10.57
C VAL B 78 -1.44 -5.22 10.56
N SER B 79 -0.64 -4.29 10.05
CA SER B 79 -1.19 -3.01 9.63
C SER B 79 -0.29 -2.30 8.64
N ALA B 80 -0.85 -1.32 7.95
CA ALA B 80 -0.10 -0.42 7.03
C ALA B 80 -0.97 0.73 6.72
N GLN B 81 -0.38 1.81 6.19
CA GLN B 81 -1.11 2.97 5.67
C GLN B 81 -0.79 3.10 4.19
N VAL B 82 -1.79 3.43 3.38
N VAL B 82 -1.80 3.43 3.38
CA VAL B 82 -1.56 3.68 1.95
CA VAL B 82 -1.63 3.68 1.96
C VAL B 82 -2.24 5.03 1.63
C VAL B 82 -2.26 5.03 1.63
N ILE B 83 -1.60 5.80 0.76
CA ILE B 83 -2.08 7.10 0.34
C ILE B 83 -2.16 7.09 -1.17
N LEU B 84 -3.34 7.40 -1.70
CA LEU B 84 -3.60 7.49 -3.13
C LEU B 84 -3.73 8.94 -3.59
N THR B 85 -3.13 9.24 -4.74
CA THR B 85 -3.06 10.57 -5.36
C THR B 85 -2.68 11.66 -4.36
N ASN B 86 -1.83 11.31 -3.38
CA ASN B 86 -1.32 12.27 -2.37
C ASN B 86 -2.42 12.93 -1.56
N GLU B 87 -3.58 12.31 -1.51
CA GLU B 87 -4.77 12.92 -0.88
C GLU B 87 -5.60 11.96 -0.04
N LEU B 88 -5.80 10.75 -0.50
CA LEU B 88 -6.78 9.81 0.07
C LEU B 88 -6.04 8.78 0.89
N ASN B 89 -6.34 8.73 2.17
CA ASN B 89 -5.57 7.93 3.13
C ASN B 89 -6.39 6.75 3.65
N PHE B 90 -5.77 5.59 3.68
CA PHE B 90 -6.29 4.39 4.29
C PHE B 90 -5.32 3.85 5.30
N ALA B 91 -5.76 3.63 6.51
CA ALA B 91 -5.00 2.91 7.53
C ALA B 91 -5.71 1.59 7.70
N LEU B 92 -4.98 0.51 7.56
CA LEU B 92 -5.50 -0.83 7.44
C LEU B 92 -4.98 -1.71 8.55
N VAL B 93 -5.86 -2.50 9.14
CA VAL B 93 -5.49 -3.44 10.22
C VAL B 93 -6.13 -4.79 9.94
N GLY B 94 -5.33 -5.84 10.03
CA GLY B 94 -5.83 -7.19 10.12
C GLY B 94 -5.42 -7.81 11.45
N SER B 95 -6.08 -8.90 11.82
CA SER B 95 -5.87 -9.50 13.11
C SER B 95 -6.12 -10.99 13.07
N GLU B 96 -5.37 -11.72 13.91
CA GLU B 96 -5.45 -13.20 13.97
C GLU B 96 -5.69 -13.64 15.38
N ASP B 97 -6.77 -14.41 15.54
CA ASP B 97 -7.21 -14.88 16.87
C ASP B 97 -6.94 -16.37 17.09
N GLY B 98 -6.34 -17.02 16.12
CA GLY B 98 -6.20 -18.47 16.14
C GLY B 98 -4.95 -18.95 15.49
N THR B 99 -5.08 -20.04 14.72
CA THR B 99 -3.93 -20.73 14.15
C THR B 99 -3.82 -20.74 12.63
N ASP B 100 -4.84 -20.29 11.91
CA ASP B 100 -4.81 -20.43 10.46
C ASP B 100 -4.07 -19.33 9.72
N ASN B 101 -3.77 -18.24 10.42
CA ASN B 101 -3.04 -17.10 9.88
C ASN B 101 -3.69 -16.47 8.65
N ASP B 102 -5.03 -16.41 8.62
CA ASP B 102 -5.71 -15.63 7.59
C ASP B 102 -5.73 -14.11 7.89
N TYR B 103 -5.52 -13.75 9.15
CA TYR B 103 -5.43 -12.35 9.54
C TYR B 103 -6.63 -11.51 9.17
N ASN B 104 -7.79 -12.12 9.00
CA ASN B 104 -9.02 -11.41 8.66
C ASN B 104 -10.06 -11.43 9.79
N ASP B 105 -9.67 -11.92 10.96
CA ASP B 105 -10.65 -12.27 11.97
C ASP B 105 -11.44 -11.04 12.42
N ALA B 106 -10.71 -9.97 12.64
CA ALA B 106 -11.26 -8.60 12.57
C ALA B 106 -10.38 -7.80 11.62
N VAL B 107 -11.03 -7.11 10.72
CA VAL B 107 -10.38 -6.24 9.74
C VAL B 107 -10.86 -4.83 10.04
N VAL B 108 -9.97 -3.87 10.14
CA VAL B 108 -10.35 -2.49 10.45
C VAL B 108 -9.75 -1.56 9.41
N VAL B 109 -10.61 -0.70 8.88
CA VAL B 109 -10.21 0.27 7.86
C VAL B 109 -10.52 1.65 8.41
N ILE B 110 -9.51 2.51 8.41
CA ILE B 110 -9.63 3.91 8.79
C ILE B 110 -9.42 4.71 7.52
N ASN B 111 -10.27 5.69 7.26
CA ASN B 111 -10.13 6.49 6.05
C ASN B 111 -10.28 7.99 6.36
N TRP B 112 -9.49 8.80 5.66
CA TRP B 112 -9.60 10.24 5.76
C TRP B 112 -8.99 10.85 4.50
N PRO B 113 -9.32 12.08 4.18
CA PRO B 113 -10.27 13.00 4.83
C PRO B 113 -11.70 12.63 4.46
N LEU B 114 -12.63 13.18 5.21
CA LEU B 114 -14.07 13.00 5.00
C LEU B 114 -14.67 14.28 4.41
N GLY B 115 -15.94 14.21 4.04
CA GLY B 115 -16.72 15.35 3.61
C GLY B 115 -16.71 15.60 2.14
N ALA C 2 -6.28 11.16 -12.30
CA ALA C 2 -5.77 11.80 -11.08
C ALA C 2 -4.30 12.09 -11.27
N THR C 3 -3.84 13.12 -10.60
CA THR C 3 -2.40 13.40 -10.54
C THR C 3 -1.66 12.18 -9.96
N GLN C 4 -0.51 11.84 -10.55
CA GLN C 4 0.34 10.76 -10.04
C GLN C 4 1.79 11.24 -10.01
N GLY C 5 2.57 10.64 -9.16
CA GLY C 5 3.98 11.02 -9.00
C GLY C 5 4.30 12.22 -8.17
N VAL C 6 3.33 12.73 -7.44
CA VAL C 6 3.47 13.87 -6.57
C VAL C 6 3.25 13.41 -5.12
N PHE C 7 4.17 13.76 -4.25
CA PHE C 7 4.16 13.33 -2.86
C PHE C 7 4.48 14.48 -1.93
N THR C 8 3.79 14.56 -0.80
CA THR C 8 4.11 15.53 0.25
C THR C 8 4.86 14.78 1.34
N LEU C 9 6.13 15.10 1.45
CA LEU C 9 6.98 14.57 2.48
C LEU C 9 6.96 15.54 3.65
N PRO C 10 7.34 15.07 4.84
CA PRO C 10 7.61 16.04 5.88
C PRO C 10 8.60 17.03 5.37
N ALA C 11 8.51 18.28 5.81
CA ALA C 11 9.47 19.32 5.43
C ALA C 11 10.88 19.05 5.93
N ASN C 12 11.86 19.54 5.16
N ASN C 12 11.85 19.55 5.17
CA ASN C 12 13.26 19.53 5.56
CA ASN C 12 13.26 19.55 5.57
C ASN C 12 13.75 18.16 5.98
C ASN C 12 13.76 18.16 5.99
N THR C 13 13.39 17.18 5.18
CA THR C 13 13.71 15.78 5.48
C THR C 13 14.50 15.14 4.34
N ARG C 14 15.58 14.45 4.66
CA ARG C 14 16.34 13.74 3.64
C ARG C 14 15.57 12.51 3.17
N PHE C 15 15.63 12.25 1.87
CA PHE C 15 15.00 11.08 1.32
C PHE C 15 15.86 10.53 0.20
N GLY C 16 15.75 9.24 -0.03
CA GLY C 16 16.40 8.59 -1.14
C GLY C 16 15.50 8.48 -2.33
N VAL C 17 16.08 8.60 -3.52
CA VAL C 17 15.35 8.39 -4.77
C VAL C 17 16.21 7.50 -5.67
N THR C 18 15.62 6.45 -6.20
CA THR C 18 16.31 5.43 -7.00
C THR C 18 15.43 5.06 -8.18
N ALA C 19 16.00 4.95 -9.37
CA ALA C 19 15.24 4.64 -10.61
C ALA C 19 15.82 3.41 -11.28
N PHE C 20 14.96 2.60 -11.80
CA PHE C 20 15.24 1.38 -12.53
C PHE C 20 14.62 1.50 -13.90
N ALA C 21 15.25 0.88 -14.91
CA ALA C 21 14.71 0.86 -16.25
C ALA C 21 14.36 -0.52 -16.77
N ASN C 22 13.24 -0.60 -17.48
CA ASN C 22 12.79 -1.83 -18.10
C ASN C 22 12.07 -1.54 -19.42
N SER C 23 12.85 -1.14 -20.44
CA SER C 23 12.26 -0.64 -21.69
C SER C 23 13.34 -0.59 -22.78
N SER C 24 12.93 -0.73 -24.03
N SER C 24 12.92 -0.73 -24.04
CA SER C 24 13.88 -0.50 -25.12
CA SER C 24 13.83 -0.49 -25.17
C SER C 24 14.14 1.00 -25.35
C SER C 24 14.11 1.01 -25.39
N GLY C 25 13.26 1.87 -24.82
CA GLY C 25 13.46 3.30 -24.88
C GLY C 25 14.33 3.82 -23.74
N THR C 26 15.13 4.85 -24.01
CA THR C 26 15.95 5.46 -22.97
C THR C 26 15.05 6.26 -22.06
N GLN C 27 15.18 6.00 -20.77
CA GLN C 27 14.34 6.67 -19.77
C GLN C 27 15.02 7.88 -19.19
N THR C 28 14.29 8.96 -19.02
CA THR C 28 14.79 10.14 -18.31
C THR C 28 13.84 10.37 -17.14
N VAL C 29 14.41 10.32 -15.94
CA VAL C 29 13.66 10.56 -14.70
C VAL C 29 14.13 11.88 -14.10
N ASN C 30 13.20 12.78 -13.87
CA ASN C 30 13.46 14.04 -13.22
C ASN C 30 12.76 14.07 -11.91
N VAL C 31 13.44 14.56 -10.89
CA VAL C 31 12.88 14.65 -9.56
C VAL C 31 12.87 16.13 -9.20
N LEU C 32 11.69 16.65 -8.91
N LEU C 32 11.69 16.65 -8.92
CA LEU C 32 11.51 18.05 -8.61
CA LEU C 32 11.51 18.05 -8.61
C LEU C 32 11.22 18.17 -7.13
C LEU C 32 11.22 18.17 -7.13
N VAL C 33 11.82 19.19 -6.50
CA VAL C 33 11.54 19.52 -5.11
C VAL C 33 11.08 20.96 -5.16
N ASN C 34 9.88 21.21 -4.61
CA ASN C 34 9.26 22.54 -4.66
C ASN C 34 9.28 23.05 -6.08
N ASN C 35 8.90 22.19 -6.99
CA ASN C 35 8.70 22.53 -8.39
C ASN C 35 9.98 22.84 -9.17
N GLU C 36 11.15 22.54 -8.60
CA GLU C 36 12.41 22.79 -9.31
C GLU C 36 13.22 21.51 -9.43
N THR C 37 13.82 21.26 -10.59
CA THR C 37 14.59 20.03 -10.80
C THR C 37 15.72 19.93 -9.83
N ALA C 38 15.78 18.82 -9.10
CA ALA C 38 16.78 18.57 -8.09
C ALA C 38 17.68 17.39 -8.45
N ALA C 39 17.21 16.46 -9.28
CA ALA C 39 17.99 15.32 -9.73
C ALA C 39 17.47 14.86 -11.05
N THR C 40 18.35 14.28 -11.83
CA THR C 40 17.99 13.75 -13.16
C THR C 40 18.79 12.50 -13.41
N PHE C 41 18.11 11.42 -13.81
CA PHE C 41 18.74 10.12 -14.11
C PHE C 41 18.35 9.76 -15.52
N SER C 42 19.26 9.22 -16.30
CA SER C 42 18.91 8.74 -17.64
CA SER C 42 18.91 8.72 -17.62
C SER C 42 19.66 7.44 -17.93
N GLY C 43 19.00 6.54 -18.60
CA GLY C 43 19.62 5.29 -18.98
C GLY C 43 18.68 4.37 -19.71
N GLN C 44 19.22 3.28 -20.18
CA GLN C 44 18.49 2.26 -20.89
C GLN C 44 18.82 0.89 -20.40
N SER C 45 17.79 0.12 -20.11
CA SER C 45 17.93 -1.27 -19.73
C SER C 45 16.60 -1.97 -19.94
N THR C 46 16.64 -3.27 -20.26
CA THR C 46 15.46 -4.16 -20.16
C THR C 46 15.61 -5.18 -19.07
N ASN C 47 16.53 -4.95 -18.15
CA ASN C 47 16.84 -5.86 -17.05
C ASN C 47 16.90 -5.21 -15.69
N ASN C 48 16.08 -4.18 -15.51
CA ASN C 48 15.93 -3.53 -14.21
C ASN C 48 17.18 -2.86 -13.69
N ALA C 49 18.08 -2.44 -14.59
CA ALA C 49 19.25 -1.72 -14.11
C ALA C 49 18.90 -0.47 -13.36
N VAL C 50 19.68 -0.18 -12.32
CA VAL C 50 19.62 1.09 -11.64
C VAL C 50 20.21 2.15 -12.55
N ILE C 51 19.39 3.08 -12.99
CA ILE C 51 19.89 4.20 -13.80
C ILE C 51 20.29 5.41 -12.99
N GLY C 52 19.97 5.43 -11.70
CA GLY C 52 20.46 6.44 -10.81
C GLY C 52 19.94 6.29 -9.42
N THR C 53 20.67 6.85 -8.45
CA THR C 53 20.24 6.98 -7.08
C THR C 53 20.82 8.26 -6.51
N GLN C 54 20.09 8.87 -5.59
CA GLN C 54 20.51 10.11 -4.98
C GLN C 54 19.80 10.36 -3.65
N VAL C 55 20.38 11.13 -2.77
CA VAL C 55 19.77 11.59 -1.57
C VAL C 55 19.51 13.08 -1.71
N LEU C 56 18.28 13.50 -1.47
CA LEU C 56 17.80 14.85 -1.57
C LEU C 56 17.15 15.30 -0.26
N ASN C 57 16.95 16.61 -0.11
CA ASN C 57 16.19 17.19 0.98
C ASN C 57 14.85 17.66 0.47
N SER C 58 13.77 17.35 1.18
CA SER C 58 12.43 17.78 0.78
C SER C 58 12.14 19.28 0.82
N GLY C 59 12.99 20.02 1.51
CA GLY C 59 12.88 21.46 1.59
C GLY C 59 11.67 21.95 2.36
N SER C 60 11.45 23.27 2.28
CA SER C 60 10.43 23.89 3.14
C SER C 60 9.01 23.47 2.85
N SER C 61 8.76 23.09 1.59
CA SER C 61 7.41 22.70 1.15
C SER C 61 7.12 21.22 1.40
N GLY C 62 8.15 20.40 1.41
CA GLY C 62 8.00 18.98 1.34
C GLY C 62 7.49 18.43 0.01
N LYS C 63 7.23 19.26 -0.99
CA LYS C 63 6.64 18.81 -2.23
C LYS C 63 7.68 18.12 -3.14
N VAL C 64 7.48 16.85 -3.45
CA VAL C 64 8.38 16.09 -4.35
C VAL C 64 7.59 15.54 -5.50
N GLN C 65 8.09 15.74 -6.72
CA GLN C 65 7.42 15.25 -7.91
C GLN C 65 8.37 14.48 -8.81
N VAL C 66 7.95 13.32 -9.25
CA VAL C 66 8.70 12.52 -10.21
C VAL C 66 8.07 12.64 -11.58
N GLN C 67 8.91 12.98 -12.58
CA GLN C 67 8.50 12.99 -13.96
C GLN C 67 9.34 12.02 -14.76
N VAL C 68 8.73 11.36 -15.73
CA VAL C 68 9.42 10.36 -16.54
C VAL C 68 9.11 10.68 -17.96
N SER C 69 10.15 10.71 -18.78
CA SER C 69 9.96 10.91 -20.21
C SER C 69 10.90 10.02 -21.01
N VAL C 70 10.52 9.86 -22.27
CA VAL C 70 11.32 9.10 -23.23
C VAL C 70 11.40 9.95 -24.49
N ASN C 71 12.62 10.32 -24.85
CA ASN C 71 12.88 11.25 -25.97
C ASN C 71 12.01 12.48 -25.90
N GLY C 72 11.89 13.02 -24.68
CA GLY C 72 11.20 14.25 -24.39
C GLY C 72 9.70 14.15 -24.24
N ARG C 73 9.13 12.97 -24.44
CA ARG C 73 7.67 12.79 -24.30
C ARG C 73 7.31 12.15 -22.99
N PRO C 74 6.40 12.76 -22.22
CA PRO C 74 6.06 12.21 -20.92
C PRO C 74 5.40 10.82 -20.93
N SER C 75 5.82 9.98 -20.01
CA SER C 75 5.19 8.68 -19.85
C SER C 75 3.94 8.80 -18.98
N ASP C 76 3.06 7.81 -19.02
CA ASP C 76 1.89 7.76 -18.14
C ASP C 76 2.36 7.18 -16.80
N LEU C 77 2.03 7.86 -15.72
CA LEU C 77 2.53 7.46 -14.39
C LEU C 77 1.42 6.81 -13.55
N VAL C 78 1.85 5.92 -12.67
CA VAL C 78 1.04 5.38 -11.57
C VAL C 78 1.88 5.48 -10.30
N SER C 79 1.24 5.75 -9.17
CA SER C 79 1.99 5.94 -7.95
C SER C 79 1.13 5.68 -6.73
N ALA C 80 1.82 5.47 -5.59
CA ALA C 80 1.18 5.42 -4.27
C ALA C 80 2.24 5.62 -3.23
N GLN C 81 1.83 5.94 -2.01
CA GLN C 81 2.71 5.97 -0.85
C GLN C 81 2.24 4.90 0.14
N VAL C 82 3.17 4.19 0.74
CA VAL C 82 2.92 3.19 1.73
C VAL C 82 3.76 3.47 2.94
N ILE C 83 3.19 3.31 4.12
CA ILE C 83 3.85 3.54 5.39
C ILE C 83 3.74 2.27 6.25
N LEU C 84 4.89 1.78 6.66
CA LEU C 84 4.96 0.60 7.50
C LEU C 84 5.34 1.02 8.94
N THR C 85 4.71 0.33 9.91
CA THR C 85 4.86 0.54 11.34
C THR C 85 4.84 2.02 11.69
N ASN C 86 4.02 2.81 10.96
CA ASN C 86 3.85 4.23 11.24
C ASN C 86 5.11 5.04 11.19
N GLU C 87 6.14 4.52 10.52
N GLU C 87 6.12 4.54 10.50
CA GLU C 87 7.48 5.11 10.53
CA GLU C 87 7.45 5.14 10.51
C GLU C 87 8.17 5.13 9.18
C GLU C 87 8.17 5.11 9.18
N LEU C 88 8.11 4.00 8.49
CA LEU C 88 8.92 3.78 7.28
C LEU C 88 8.09 4.06 6.03
N ASN C 89 8.52 5.01 5.22
CA ASN C 89 7.73 5.49 4.11
C ASN C 89 8.33 5.13 2.76
N PHE C 90 7.49 4.69 1.85
CA PHE C 90 7.85 4.44 0.48
C PHE C 90 6.93 5.23 -0.41
N ALA C 91 7.47 5.99 -1.36
CA ALA C 91 6.69 6.62 -2.42
C ALA C 91 7.15 5.94 -3.69
N LEU C 92 6.19 5.37 -4.39
CA LEU C 92 6.43 4.43 -5.47
C LEU C 92 5.83 4.97 -6.77
N VAL C 93 6.58 4.85 -7.86
CA VAL C 93 6.15 5.30 -9.17
C VAL C 93 6.47 4.24 -10.20
N GLY C 94 5.48 3.93 -11.03
CA GLY C 94 5.69 3.21 -12.26
C GLY C 94 5.34 4.09 -13.44
N SER C 95 5.80 3.70 -14.63
CA SER C 95 5.55 4.53 -15.81
C SER C 95 5.45 3.64 -17.02
N GLU C 96 4.64 4.11 -17.98
CA GLU C 96 4.40 3.42 -19.24
C GLU C 96 4.71 4.36 -20.39
N ASP C 97 5.64 3.96 -21.22
CA ASP C 97 6.07 4.72 -22.37
C ASP C 97 5.43 4.30 -23.70
N GLY C 98 4.64 3.24 -23.66
CA GLY C 98 4.08 2.64 -24.84
C GLY C 98 2.67 2.14 -24.62
N THR C 99 2.42 0.93 -25.14
CA THR C 99 1.08 0.35 -25.18
C THR C 99 0.93 -0.98 -24.47
N ASP C 100 2.01 -1.59 -24.01
CA ASP C 100 1.88 -2.94 -23.41
C ASP C 100 1.38 -2.92 -21.96
N ASN C 101 1.43 -1.75 -21.37
CA ASN C 101 0.90 -1.53 -20.01
C ASN C 101 1.51 -2.41 -18.96
N ASP C 102 2.82 -2.63 -19.07
CA ASP C 102 3.56 -3.23 -17.99
C ASP C 102 3.93 -2.22 -16.87
N TYR C 103 3.90 -0.91 -17.16
CA TYR C 103 4.11 0.17 -16.21
C TYR C 103 5.44 0.06 -15.43
N ASN C 104 6.42 -0.60 -16.04
CA ASN C 104 7.72 -0.78 -15.41
C ASN C 104 8.85 -0.07 -16.16
N ASP C 105 8.48 0.74 -17.15
CA ASP C 105 9.50 1.23 -18.15
C ASP C 105 10.55 2.05 -17.44
N ALA C 106 10.12 2.93 -16.54
CA ALA C 106 10.94 3.38 -15.43
C ALA C 106 10.17 3.17 -14.17
N VAL C 107 10.83 2.63 -13.18
CA VAL C 107 10.29 2.44 -11.84
C VAL C 107 11.10 3.30 -10.90
N VAL C 108 10.41 4.06 -10.04
CA VAL C 108 11.08 4.97 -9.15
C VAL C 108 10.64 4.69 -7.72
N VAL C 109 11.61 4.55 -6.83
CA VAL C 109 11.35 4.32 -5.45
C VAL C 109 11.95 5.47 -4.66
N ILE C 110 11.13 6.10 -3.83
CA ILE C 110 11.53 7.12 -2.87
C ILE C 110 11.34 6.57 -1.48
N ASN C 111 12.31 6.74 -0.61
CA ASN C 111 12.20 6.22 0.74
C ASN C 111 12.67 7.19 1.78
N TRP C 112 12.01 7.21 2.91
CA TRP C 112 12.44 8.03 4.05
C TRP C 112 11.82 7.45 5.32
N PRO C 113 12.36 7.76 6.49
CA PRO C 113 13.53 8.56 6.77
C PRO C 113 14.78 7.77 6.44
N LEU C 114 15.87 8.49 6.40
CA LEU C 114 17.23 7.98 6.23
C LEU C 114 17.96 8.00 7.54
N GLY C 115 19.15 7.43 7.54
CA GLY C 115 20.07 7.53 8.67
C GLY C 115 19.99 6.43 9.68
N ALA D 2 3.06 -11.57 13.28
CA ALA D 2 2.78 -12.21 11.99
C ALA D 2 4.09 -12.38 11.23
N THR D 3 4.13 -13.39 10.37
CA THR D 3 5.27 -13.55 9.47
C THR D 3 5.42 -12.30 8.60
N GLN D 4 6.66 -11.88 8.39
CA GLN D 4 6.97 -10.72 7.56
C GLN D 4 8.14 -11.10 6.63
N GLY D 5 8.22 -10.43 5.50
CA GLY D 5 9.29 -10.66 4.55
C GLY D 5 9.14 -11.85 3.66
N VAL D 6 7.95 -12.45 3.62
CA VAL D 6 7.62 -13.60 2.78
C VAL D 6 6.55 -13.18 1.76
N PHE D 7 6.80 -13.51 0.49
CA PHE D 7 5.95 -13.08 -0.61
C PHE D 7 5.74 -14.22 -1.59
N THR D 8 4.53 -14.37 -2.10
CA THR D 8 4.25 -15.30 -3.18
C THR D 8 4.21 -14.55 -4.48
N LEU D 9 5.19 -14.80 -5.32
CA LEU D 9 5.23 -14.22 -6.66
C LEU D 9 4.58 -15.22 -7.66
N PRO D 10 4.20 -14.74 -8.85
CA PRO D 10 3.88 -15.69 -9.93
C PRO D 10 5.07 -16.57 -10.21
N ALA D 11 4.82 -17.83 -10.53
CA ALA D 11 5.89 -18.77 -10.83
C ALA D 11 6.70 -18.37 -12.06
N ASN D 12 7.96 -18.73 -12.04
CA ASN D 12 8.86 -18.64 -13.20
C ASN D 12 8.91 -17.24 -13.79
N THR D 13 9.00 -16.28 -12.89
CA THR D 13 8.96 -14.87 -13.23
C THR D 13 10.22 -14.17 -12.76
N ARG D 14 10.83 -13.35 -13.62
CA ARG D 14 11.99 -12.56 -13.20
C ARG D 14 11.50 -11.43 -12.32
N PHE D 15 12.29 -11.15 -11.31
CA PHE D 15 12.04 -10.01 -10.43
C PHE D 15 13.33 -9.33 -10.02
N GLY D 16 13.29 -8.07 -9.67
CA GLY D 16 14.42 -7.34 -9.14
C GLY D 16 14.37 -7.31 -7.63
N VAL D 17 15.53 -7.36 -7.00
CA VAL D 17 15.65 -7.14 -5.59
C VAL D 17 16.81 -6.20 -5.33
N THR D 18 16.57 -5.20 -4.52
CA THR D 18 17.53 -4.13 -4.25
C THR D 18 17.46 -3.78 -2.76
N ALA D 19 18.60 -3.56 -2.13
CA ALA D 19 18.70 -3.26 -0.72
C ALA D 19 19.41 -1.95 -0.44
N PHE D 20 18.96 -1.24 0.59
CA PHE D 20 19.44 0.07 1.01
C PHE D 20 19.83 -0.02 2.46
N ALA D 21 20.91 0.63 2.86
CA ALA D 21 21.34 0.63 4.29
C ALA D 21 21.24 2.02 4.90
N ASN D 22 20.77 2.03 6.16
CA ASN D 22 20.63 3.25 6.94
C ASN D 22 20.90 2.90 8.42
N SER D 23 22.16 2.62 8.76
CA SER D 23 22.49 2.13 10.09
C SER D 23 23.98 2.27 10.35
N SER D 24 24.34 2.44 11.60
CA SER D 24 25.76 2.35 11.99
C SER D 24 26.28 0.91 11.97
N GLY D 25 25.39 -0.06 12.02
CA GLY D 25 25.78 -1.47 11.93
C GLY D 25 25.82 -1.98 10.50
N THR D 26 26.73 -2.87 10.19
CA THR D 26 26.77 -3.54 8.91
C THR D 26 25.55 -4.44 8.76
N GLN D 27 24.83 -4.22 7.66
CA GLN D 27 23.63 -5.01 7.34
C GLN D 27 23.98 -6.17 6.48
N THR D 28 23.31 -7.31 6.67
CA THR D 28 23.42 -8.41 5.75
C THR D 28 21.99 -8.80 5.35
N VAL D 29 21.70 -8.80 4.05
CA VAL D 29 20.39 -9.11 3.48
C VAL D 29 20.51 -10.39 2.71
N ASN D 30 19.73 -11.41 3.06
N ASN D 30 19.68 -11.37 3.04
CA ASN D 30 19.64 -12.65 2.31
CA ASN D 30 19.60 -12.59 2.32
C ASN D 30 18.28 -12.79 1.66
C ASN D 30 18.26 -12.76 1.67
N VAL D 31 18.26 -13.18 0.40
CA VAL D 31 17.04 -13.35 -0.35
C VAL D 31 16.95 -14.84 -0.71
N LEU D 32 15.88 -15.50 -0.26
N LEU D 32 15.87 -15.49 -0.27
CA LEU D 32 15.67 -16.92 -0.50
CA LEU D 32 15.66 -16.90 -0.51
C LEU D 32 14.58 -17.09 -1.55
C LEU D 32 14.58 -17.07 -1.57
N VAL D 33 14.78 -18.03 -2.47
CA VAL D 33 13.78 -18.45 -3.44
C VAL D 33 13.58 -19.93 -3.25
N ASN D 34 12.33 -20.32 -2.98
CA ASN D 34 12.01 -21.72 -2.64
C ASN D 34 12.90 -22.22 -1.51
N ASN D 35 13.05 -21.38 -0.50
CA ASN D 35 13.79 -21.71 0.74
C ASN D 35 15.28 -21.93 0.56
N GLU D 36 15.86 -21.47 -0.57
CA GLU D 36 17.32 -21.52 -0.78
C GLU D 36 17.86 -20.15 -1.08
N THR D 37 18.99 -19.80 -0.49
CA THR D 37 19.56 -18.46 -0.71
C THR D 37 19.89 -18.26 -2.17
N ALA D 38 19.41 -17.14 -2.72
CA ALA D 38 19.62 -16.79 -4.14
C ALA D 38 20.42 -15.52 -4.31
N ALA D 39 20.43 -14.68 -3.29
CA ALA D 39 21.25 -13.45 -3.29
C ALA D 39 21.57 -13.02 -1.88
N THR D 40 22.74 -12.37 -1.70
CA THR D 40 23.14 -11.87 -0.44
C THR D 40 23.82 -10.54 -0.68
N PHE D 41 23.46 -9.53 0.10
CA PHE D 41 24.05 -8.18 0.04
C PHE D 41 24.48 -7.75 1.41
N SER D 42 25.48 -6.91 1.51
CA SER D 42 25.89 -6.36 2.78
C SER D 42 26.48 -4.95 2.59
N GLY D 43 26.44 -4.13 3.64
CA GLY D 43 27.14 -2.87 3.64
C GLY D 43 26.83 -2.08 4.85
N GLN D 44 27.43 -0.90 4.93
CA GLN D 44 27.29 -0.05 6.09
C GLN D 44 27.27 1.39 5.69
N SER D 45 26.10 2.00 5.78
CA SER D 45 25.87 3.37 5.38
C SER D 45 24.80 3.94 6.26
N THR D 46 24.93 5.22 6.56
CA THR D 46 23.85 6.00 7.14
C THR D 46 23.27 7.00 6.14
N ASN D 47 23.44 6.76 4.84
CA ASN D 47 22.98 7.64 3.82
C ASN D 47 22.36 6.88 2.66
N ASN D 48 21.67 5.78 2.97
CA ASN D 48 20.84 5.08 1.96
C ASN D 48 21.62 4.43 0.81
N ALA D 49 22.86 4.01 1.07
CA ALA D 49 23.60 3.36 0.02
C ALA D 49 22.82 2.18 -0.51
N VAL D 50 22.84 2.00 -1.81
CA VAL D 50 22.23 0.85 -2.46
C VAL D 50 23.27 -0.28 -2.41
N ILE D 51 23.20 -1.05 -1.35
CA ILE D 51 24.24 -2.04 -1.02
C ILE D 51 24.25 -3.21 -1.95
N GLY D 52 23.17 -3.44 -2.70
CA GLY D 52 23.16 -4.51 -3.66
C GLY D 52 21.91 -4.45 -4.51
N THR D 53 21.98 -5.01 -5.70
CA THR D 53 20.83 -5.20 -6.58
C THR D 53 21.09 -6.41 -7.45
N GLN D 54 20.05 -7.14 -7.78
CA GLN D 54 20.15 -8.37 -8.57
C GLN D 54 18.82 -8.73 -9.21
N VAL D 55 18.87 -9.45 -10.30
CA VAL D 55 17.71 -9.99 -10.96
C VAL D 55 17.67 -11.47 -10.69
N LEU D 56 16.54 -11.94 -10.20
CA LEU D 56 16.33 -13.34 -9.84
C LEU D 56 15.11 -13.88 -10.56
N ASN D 57 14.94 -15.19 -10.53
CA ASN D 57 13.76 -15.85 -11.05
C ASN D 57 13.01 -16.51 -9.88
N SER D 58 11.70 -16.35 -9.84
CA SER D 58 10.87 -16.85 -8.72
C SER D 58 10.70 -18.38 -8.74
N GLY D 59 11.06 -19.01 -9.86
CA GLY D 59 11.09 -20.48 -9.94
C GLY D 59 9.70 -21.10 -9.84
N SER D 60 9.70 -22.40 -9.65
CA SER D 60 8.43 -23.15 -9.72
C SER D 60 7.46 -22.82 -8.60
N SER D 61 7.97 -22.44 -7.43
CA SER D 61 7.16 -22.22 -6.25
C SER D 61 6.61 -20.80 -6.14
N GLY D 62 7.36 -19.85 -6.70
CA GLY D 62 7.08 -18.42 -6.50
C GLY D 62 7.36 -17.91 -5.10
N LYS D 63 7.89 -18.72 -4.19
CA LYS D 63 8.11 -18.28 -2.82
C LYS D 63 9.42 -17.51 -2.66
N VAL D 64 9.33 -16.26 -2.23
CA VAL D 64 10.48 -15.38 -2.01
C VAL D 64 10.48 -14.91 -0.56
N GLN D 65 11.61 -15.02 0.11
CA GLN D 65 11.76 -14.57 1.47
C GLN D 65 12.97 -13.70 1.64
N VAL D 66 12.80 -12.58 2.34
CA VAL D 66 13.88 -11.67 2.68
C VAL D 66 14.20 -11.84 4.16
N GLN D 67 15.47 -12.02 4.48
CA GLN D 67 15.96 -12.05 5.84
C GLN D 67 17.02 -10.97 6.00
N VAL D 68 17.09 -10.35 7.17
CA VAL D 68 18.09 -9.32 7.43
C VAL D 68 18.71 -9.66 8.77
N SER D 69 20.03 -9.57 8.84
CA SER D 69 20.76 -9.73 10.11
C SER D 69 21.87 -8.69 10.24
N VAL D 70 22.26 -8.46 11.48
CA VAL D 70 23.32 -7.57 11.84
C VAL D 70 24.13 -8.29 12.89
N ASN D 71 25.43 -8.42 12.65
CA ASN D 71 26.28 -9.15 13.60
C ASN D 71 25.69 -10.55 13.88
N GLY D 72 25.08 -11.21 12.89
CA GLY D 72 24.52 -12.53 13.00
C GLY D 72 23.14 -12.63 13.64
N ARG D 73 22.59 -11.53 14.12
CA ARG D 73 21.33 -11.54 14.84
C ARG D 73 20.23 -11.07 13.90
N PRO D 74 19.13 -11.82 13.79
CA PRO D 74 18.04 -11.37 12.90
C PRO D 74 17.44 -10.08 13.35
N SER D 75 17.21 -9.18 12.40
CA SER D 75 16.50 -7.92 12.66
C SER D 75 14.99 -8.18 12.64
N ASP D 76 14.28 -7.29 13.29
CA ASP D 76 12.83 -7.34 13.27
C ASP D 76 12.34 -6.75 11.95
N LEU D 77 11.48 -7.48 11.24
CA LEU D 77 11.04 -7.06 9.91
C LEU D 77 9.62 -6.53 9.90
N VAL D 78 9.39 -5.60 8.97
CA VAL D 78 8.05 -5.19 8.57
C VAL D 78 7.96 -5.30 7.06
N SER D 79 6.79 -5.62 6.52
CA SER D 79 6.68 -5.79 5.09
C SER D 79 5.23 -5.63 4.60
N ALA D 80 5.12 -5.41 3.29
CA ALA D 80 3.79 -5.40 2.61
C ALA D 80 4.03 -5.56 1.12
N GLN D 81 2.99 -5.85 0.37
CA GLN D 81 3.02 -5.84 -1.08
C GLN D 81 1.98 -4.87 -1.57
N VAL D 82 2.33 -4.10 -2.60
N VAL D 82 2.33 -4.09 -2.60
CA VAL D 82 1.40 -3.15 -3.22
CA VAL D 82 1.42 -3.13 -3.23
C VAL D 82 1.42 -3.36 -4.72
C VAL D 82 1.42 -3.37 -4.70
N ILE D 83 0.24 -3.28 -5.31
CA ILE D 83 0.07 -3.50 -6.74
C ILE D 83 -0.63 -2.29 -7.33
N LEU D 84 -0.01 -1.72 -8.36
CA LEU D 84 -0.51 -0.52 -9.03
C LEU D 84 -1.02 -0.91 -10.40
N THR D 85 -2.15 -0.29 -10.79
CA THR D 85 -2.88 -0.55 -12.04
C THR D 85 -3.01 -2.04 -12.37
N ASN D 86 -3.15 -2.87 -11.33
CA ASN D 86 -3.36 -4.31 -11.46
C ASN D 86 -2.25 -5.00 -12.24
N GLU D 87 -1.06 -4.39 -12.26
N GLU D 87 -1.05 -4.39 -12.26
CA GLU D 87 0.05 -4.91 -13.04
CA GLU D 87 0.06 -4.86 -13.10
C GLU D 87 1.43 -4.79 -12.42
C GLU D 87 1.42 -4.79 -12.42
N LEU D 88 1.70 -3.68 -11.78
CA LEU D 88 3.03 -3.37 -11.28
C LEU D 88 3.10 -3.72 -9.82
N ASN D 89 4.02 -4.61 -9.47
CA ASN D 89 4.10 -5.12 -8.11
C ASN D 89 5.35 -4.67 -7.40
N PHE D 90 5.16 -4.28 -6.14
CA PHE D 90 6.25 -4.00 -5.22
C PHE D 90 6.08 -4.82 -3.96
N ALA D 91 7.11 -5.54 -3.56
CA ALA D 91 7.17 -6.19 -2.25
C ALA D 91 8.21 -5.42 -1.44
N LEU D 92 7.84 -4.95 -0.26
CA LEU D 92 8.57 -3.97 0.51
C LEU D 92 8.93 -4.51 1.85
N VAL D 93 10.18 -4.32 2.28
CA VAL D 93 10.63 -4.77 3.58
C VAL D 93 11.40 -3.64 4.27
N GLY D 94 11.11 -3.43 5.53
CA GLY D 94 11.97 -2.64 6.42
C GLY D 94 12.45 -3.49 7.58
N SER D 95 13.47 -3.05 8.27
CA SER D 95 14.06 -3.83 9.34
C SER D 95 14.67 -2.93 10.37
N GLU D 96 14.64 -3.44 11.62
CA GLU D 96 15.16 -2.74 12.76
C GLU D 96 16.18 -3.59 13.48
N ASP D 97 17.37 -3.02 13.68
CA ASP D 97 18.49 -3.71 14.35
C ASP D 97 18.75 -3.26 15.74
N GLY D 98 18.01 -2.28 16.20
CA GLY D 98 18.25 -1.62 17.50
C GLY D 98 16.98 -1.21 18.21
N THR D 99 17.03 -0.05 18.82
CA THR D 99 15.97 0.42 19.70
C THR D 99 15.25 1.66 19.25
N ASP D 100 15.75 2.35 18.22
CA ASP D 100 15.12 3.60 17.79
C ASP D 100 13.86 3.46 16.92
N ASN D 101 13.63 2.24 16.43
CA ASN D 101 12.41 1.94 15.68
C ASN D 101 12.17 2.78 14.45
N ASP D 102 13.26 3.14 13.78
CA ASP D 102 13.11 3.76 12.48
C ASP D 102 12.84 2.77 11.35
N TYR D 103 13.17 1.49 11.54
CA TYR D 103 12.85 0.40 10.62
C TYR D 103 13.40 0.62 9.22
N ASN D 104 14.48 1.38 9.11
CA ASN D 104 15.12 1.65 7.83
C ASN D 104 16.52 1.08 7.76
N ASP D 105 16.91 0.26 8.74
CA ASP D 105 18.32 -0.09 8.87
C ASP D 105 18.84 -0.85 7.70
N ALA D 106 18.02 -1.78 7.23
CA ALA D 106 18.05 -2.27 5.87
C ALA D 106 16.65 -2.22 5.29
N VAL D 107 16.54 -1.63 4.10
CA VAL D 107 15.27 -1.51 3.36
C VAL D 107 15.45 -2.36 2.11
N VAL D 108 14.48 -3.21 1.79
CA VAL D 108 14.56 -4.07 0.63
C VAL D 108 13.33 -3.90 -0.23
N VAL D 109 13.54 -3.70 -1.54
CA VAL D 109 12.45 -3.51 -2.49
C VAL D 109 12.58 -4.60 -3.53
N ILE D 110 11.51 -5.33 -3.74
CA ILE D 110 11.36 -6.35 -4.80
C ILE D 110 10.35 -5.79 -5.78
N ASN D 111 10.63 -5.87 -7.08
CA ASN D 111 9.72 -5.36 -8.09
C ASN D 111 9.60 -6.36 -9.24
N TRP D 112 8.38 -6.45 -9.78
CA TRP D 112 8.11 -7.22 -10.99
C TRP D 112 6.84 -6.67 -11.63
N PRO D 113 6.59 -6.94 -12.90
CA PRO D 113 7.47 -7.66 -13.85
C PRO D 113 8.64 -6.78 -14.29
N LEU D 114 9.62 -7.43 -14.90
CA LEU D 114 10.73 -6.79 -15.54
C LEU D 114 10.58 -6.82 -17.07
N GLY D 115 11.49 -6.13 -17.77
CA GLY D 115 11.59 -6.19 -19.20
C GLY D 115 10.79 -5.14 -19.94
#